data_1LKT
#
_entry.id   1LKT
#
_cell.length_a   57.300
_cell.length_b   82.100
_cell.length_c   73.800
_cell.angle_alpha   90.00
_cell.angle_beta   90.90
_cell.angle_gamma   90.00
#
_symmetry.space_group_name_H-M   'P 1 21 1'
#
loop_
_entity.id
_entity.type
_entity.pdbx_description
1 polymer 'TAILSPIKE PROTEIN'
2 water water
#
_entity_poly.entity_id   1
_entity_poly.type   'polypeptide(L)'
_entity_poly.pdbx_seq_one_letter_code
;ANVVVSNPRPIFTESRSFKAVANGKIYIGQIDTDPVNPANQIPVYIENEDGSHVQITQPLIINAAGKIVYNGQLVKIVTV
QGHSMAIYDANGSQVDYIANVLKY
;
_entity_poly.pdbx_strand_id   A,B,C,D,E,F
#
# COMPACT_ATOMS: atom_id res chain seq x y z
N ALA A 1 4.00 -10.59 38.47
CA ALA A 1 4.52 -9.69 37.44
C ALA A 1 3.37 -8.99 36.72
N ASN A 2 3.01 -7.81 37.21
CA ASN A 2 1.94 -7.03 36.62
C ASN A 2 2.41 -5.77 35.92
N VAL A 3 3.56 -5.25 36.34
CA VAL A 3 4.13 -4.05 35.74
C VAL A 3 4.80 -4.37 34.41
N VAL A 4 4.16 -4.02 33.29
CA VAL A 4 4.73 -4.28 31.97
C VAL A 4 5.67 -3.14 31.57
N VAL A 5 6.85 -3.47 31.05
CA VAL A 5 7.80 -2.43 30.66
C VAL A 5 7.41 -1.91 29.30
N SER A 6 7.37 -0.59 29.16
CA SER A 6 6.99 0.07 27.91
C SER A 6 7.64 1.44 27.84
N ASN A 7 7.23 2.25 26.88
CA ASN A 7 7.78 3.59 26.72
C ASN A 7 6.73 4.59 27.18
N PRO A 8 6.96 5.25 28.32
CA PRO A 8 6.03 6.23 28.86
C PRO A 8 5.99 7.63 28.22
N ARG A 9 7.07 8.03 27.55
CA ARG A 9 7.12 9.34 26.89
C ARG A 9 6.26 9.43 25.63
N PRO A 10 5.34 10.41 25.57
CA PRO A 10 4.51 10.50 24.36
C PRO A 10 5.27 11.04 23.14
N ILE A 11 4.94 10.51 21.97
CA ILE A 11 5.57 10.94 20.74
C ILE A 11 4.44 11.45 19.86
N PHE A 12 4.65 12.59 19.20
CA PHE A 12 3.63 13.16 18.34
C PHE A 12 4.10 13.17 16.89
N THR A 13 3.36 12.47 16.02
CA THR A 13 3.72 12.41 14.60
C THR A 13 2.62 12.99 13.69
N GLU A 14 2.93 13.13 12.41
CA GLU A 14 1.99 13.67 11.43
C GLU A 14 0.82 12.73 11.31
N SER A 15 -0.28 13.24 10.76
CA SER A 15 -1.49 12.44 10.61
C SER A 15 -1.70 11.90 9.22
N ARG A 16 -0.88 12.34 8.28
CA ARG A 16 -0.99 11.88 6.92
C ARG A 16 0.33 11.26 6.44
N SER A 17 1.36 11.33 7.28
CA SER A 17 2.65 10.75 6.96
C SER A 17 3.37 10.31 8.23
N PHE A 18 4.36 9.44 8.05
CA PHE A 18 5.13 8.94 9.17
C PHE A 18 6.31 9.87 9.49
N LYS A 19 6.04 10.98 10.15
CA LYS A 19 7.09 11.92 10.50
C LYS A 19 6.75 12.51 11.83
N ALA A 20 7.77 12.90 12.62
CA ALA A 20 7.50 13.52 13.91
C ALA A 20 7.01 14.91 13.59
N VAL A 21 6.27 15.53 14.51
CA VAL A 21 5.82 16.89 14.29
C VAL A 21 6.94 17.81 14.81
N ALA A 22 8.06 17.77 14.11
CA ALA A 22 9.27 18.53 14.44
C ALA A 22 9.01 20.01 14.49
N ASN A 23 9.29 20.61 15.65
CA ASN A 23 9.06 22.01 15.88
C ASN A 23 7.58 22.39 15.77
N GLY A 24 6.71 21.45 16.13
CA GLY A 24 5.29 21.72 16.10
C GLY A 24 4.90 22.39 17.41
N LYS A 25 3.62 22.69 17.57
CA LYS A 25 3.15 23.34 18.78
C LYS A 25 1.88 22.70 19.28
N ILE A 26 1.84 22.43 20.58
CA ILE A 26 0.66 21.82 21.22
C ILE A 26 0.00 22.85 22.12
N TYR A 27 -1.32 22.99 21.96
CA TYR A 27 -2.07 23.93 22.77
C TYR A 27 -3.01 23.12 23.64
N ILE A 28 -3.02 23.44 24.93
CA ILE A 28 -3.87 22.74 25.89
C ILE A 28 -4.90 23.74 26.40
N GLY A 29 -6.17 23.33 26.43
CA GLY A 29 -7.18 24.26 26.89
C GLY A 29 -8.44 23.65 27.49
N GLN A 30 -9.53 24.41 27.46
CA GLN A 30 -10.81 23.97 28.00
C GLN A 30 -11.43 22.92 27.11
N ILE A 31 -11.97 21.89 27.75
CA ILE A 31 -12.64 20.81 27.05
C ILE A 31 -13.58 21.44 26.03
N ASP A 32 -13.56 20.91 24.82
CA ASP A 32 -14.41 21.38 23.74
C ASP A 32 -14.31 22.87 23.41
N THR A 33 -13.09 23.39 23.41
CA THR A 33 -12.85 24.79 23.05
C THR A 33 -11.53 24.79 22.25
N ASP A 34 -11.32 25.82 21.43
CA ASP A 34 -10.10 25.95 20.65
C ASP A 34 -9.00 26.49 21.59
N PRO A 35 -8.07 25.61 22.01
CA PRO A 35 -6.96 25.91 22.91
C PRO A 35 -5.98 26.94 22.35
N VAL A 36 -6.03 27.13 21.03
CA VAL A 36 -5.16 28.10 20.39
C VAL A 36 -5.52 29.52 20.88
N ASN A 37 -6.81 29.75 21.15
CA ASN A 37 -7.26 31.04 21.66
C ASN A 37 -6.82 31.10 23.14
N PRO A 38 -5.98 32.11 23.49
CA PRO A 38 -5.42 32.35 24.83
C PRO A 38 -6.43 32.32 25.95
N ALA A 39 -7.66 32.74 25.67
CA ALA A 39 -8.72 32.74 26.67
C ALA A 39 -9.25 31.32 26.98
N ASN A 40 -8.86 30.35 26.16
CA ASN A 40 -9.31 28.97 26.32
C ASN A 40 -8.23 28.06 26.89
N GLN A 41 -7.03 28.61 27.08
CA GLN A 41 -5.91 27.83 27.59
C GLN A 41 -6.01 27.65 29.09
N ILE A 42 -5.50 26.51 29.57
CA ILE A 42 -5.49 26.21 31.00
C ILE A 42 -4.03 26.08 31.44
N PRO A 43 -3.77 26.14 32.78
CA PRO A 43 -2.40 26.02 33.27
C PRO A 43 -1.81 24.64 32.98
N VAL A 44 -0.58 24.62 32.48
CA VAL A 44 0.13 23.37 32.19
C VAL A 44 1.32 23.39 33.10
N TYR A 45 1.64 22.24 33.69
CA TYR A 45 2.76 22.14 34.63
C TYR A 45 3.72 21.04 34.25
N ILE A 46 4.99 21.26 34.52
CA ILE A 46 6.01 20.25 34.28
C ILE A 46 6.03 19.50 35.60
N GLU A 47 6.01 18.19 35.54
CA GLU A 47 6.08 17.43 36.77
C GLU A 47 7.50 16.95 36.87
N ASN A 48 8.25 17.51 37.80
CA ASN A 48 9.65 17.12 37.97
C ASN A 48 9.79 15.74 38.56
N GLU A 49 10.95 15.11 38.36
CA GLU A 49 11.24 13.79 38.89
C GLU A 49 10.98 13.88 40.37
N ASP A 50 11.32 15.06 40.90
CA ASP A 50 11.12 15.42 42.30
C ASP A 50 9.67 15.20 42.71
N GLY A 51 8.76 15.37 41.76
CA GLY A 51 7.35 15.20 42.01
C GLY A 51 6.70 16.56 42.10
N SER A 52 7.54 17.60 42.05
CA SER A 52 7.08 18.97 42.11
C SER A 52 6.54 19.34 40.73
N HIS A 53 5.85 20.48 40.66
CA HIS A 53 5.29 20.97 39.41
C HIS A 53 5.66 22.42 39.18
N VAL A 54 6.14 22.72 37.98
CA VAL A 54 6.51 24.08 37.62
C VAL A 54 5.66 24.44 36.43
N GLN A 55 4.80 25.43 36.61
CA GLN A 55 3.92 25.87 35.54
C GLN A 55 4.72 26.55 34.44
N ILE A 56 4.42 26.21 33.19
CA ILE A 56 5.13 26.81 32.08
C ILE A 56 4.12 27.44 31.15
N THR A 57 4.63 28.18 30.17
CA THR A 57 3.80 28.87 29.21
C THR A 57 3.48 27.99 28.02
N GLN A 58 2.45 28.36 27.27
CA GLN A 58 2.06 27.63 26.07
C GLN A 58 2.44 28.47 24.86
N PRO A 59 2.58 27.84 23.67
CA PRO A 59 2.40 26.40 23.45
C PRO A 59 3.58 25.56 23.92
N LEU A 60 3.36 24.25 23.96
CA LEU A 60 4.41 23.34 24.34
C LEU A 60 5.12 23.08 23.01
N ILE A 61 6.43 22.92 23.07
CA ILE A 61 7.22 22.71 21.89
C ILE A 61 7.54 21.25 21.73
N ILE A 62 7.37 20.75 20.51
CA ILE A 62 7.65 19.37 20.15
C ILE A 62 8.97 19.39 19.40
N ASN A 63 9.95 18.64 19.89
CA ASN A 63 11.25 18.65 19.23
C ASN A 63 11.27 17.79 17.98
N ALA A 64 12.46 17.67 17.38
CA ALA A 64 12.68 16.88 16.18
C ALA A 64 12.26 15.42 16.35
N ALA A 65 12.29 14.92 17.59
CA ALA A 65 11.92 13.53 17.87
C ALA A 65 10.43 13.32 18.05
N GLY A 66 9.67 14.40 18.10
CA GLY A 66 8.24 14.32 18.30
C GLY A 66 7.93 14.28 19.79
N LYS A 67 8.88 14.67 20.62
CA LYS A 67 8.67 14.66 22.06
C LYS A 67 8.71 16.06 22.62
N ILE A 68 7.84 16.34 23.59
CA ILE A 68 7.77 17.67 24.21
C ILE A 68 9.09 17.92 24.93
N VAL A 69 9.58 19.13 24.80
CA VAL A 69 10.85 19.51 25.36
C VAL A 69 10.75 20.92 25.96
N TYR A 70 11.44 21.13 27.07
CA TYR A 70 11.46 22.43 27.71
C TYR A 70 12.89 22.62 28.16
N ASN A 71 13.52 23.68 27.65
CA ASN A 71 14.90 23.97 27.97
C ASN A 71 15.81 22.90 27.40
N GLY A 72 15.46 22.41 26.21
CA GLY A 72 16.27 21.42 25.55
C GLY A 72 16.24 20.04 26.15
N GLN A 73 15.35 19.82 27.12
CA GLN A 73 15.24 18.51 27.73
C GLN A 73 13.81 18.00 27.69
N LEU A 74 13.64 16.69 27.59
CA LEU A 74 12.32 16.08 27.55
C LEU A 74 11.59 16.27 28.88
N VAL A 75 10.33 16.66 28.82
CA VAL A 75 9.54 16.90 30.04
C VAL A 75 8.22 16.15 30.07
N LYS A 76 7.68 15.99 31.27
CA LYS A 76 6.38 15.35 31.43
C LYS A 76 5.45 16.51 31.73
N ILE A 77 4.38 16.65 30.96
CA ILE A 77 3.43 17.73 31.15
C ILE A 77 2.12 17.22 31.69
N VAL A 78 1.57 17.91 32.68
CA VAL A 78 0.30 17.49 33.26
C VAL A 78 -0.60 18.69 33.52
N THR A 79 -1.91 18.46 33.58
CA THR A 79 -2.89 19.51 33.86
C THR A 79 -3.72 18.95 35.01
N VAL A 80 -4.50 19.82 35.65
CA VAL A 80 -5.34 19.40 36.77
C VAL A 80 -6.60 18.65 36.31
N GLN A 81 -7.22 19.11 35.23
CA GLN A 81 -8.43 18.49 34.71
C GLN A 81 -8.30 18.10 33.23
N GLY A 82 -9.37 17.54 32.68
CA GLY A 82 -9.39 17.16 31.29
C GLY A 82 -9.16 18.42 30.50
N HIS A 83 -8.77 18.27 29.23
CA HIS A 83 -8.49 19.43 28.41
C HIS A 83 -8.66 19.08 26.96
N SER A 84 -8.70 20.11 26.12
CA SER A 84 -8.78 19.90 24.69
C SER A 84 -7.32 19.98 24.26
N MET A 85 -6.99 19.43 23.11
CA MET A 85 -5.62 19.42 22.63
C MET A 85 -5.55 19.59 21.13
N ALA A 86 -4.84 20.61 20.70
CA ALA A 86 -4.67 20.88 19.30
C ALA A 86 -3.17 20.79 19.05
N ILE A 87 -2.78 20.13 17.97
CA ILE A 87 -1.36 19.96 17.66
C ILE A 87 -1.13 20.61 16.32
N TYR A 88 -0.18 21.53 16.24
CA TYR A 88 0.11 22.23 14.99
C TYR A 88 1.54 21.96 14.56
N ASP A 89 1.78 21.89 13.24
CA ASP A 89 3.14 21.66 12.76
C ASP A 89 3.90 22.97 12.70
N ALA A 90 5.19 22.92 12.38
CA ALA A 90 6.03 24.11 12.33
C ALA A 90 5.49 25.21 11.44
N ASN A 91 4.65 24.84 10.47
CA ASN A 91 4.06 25.82 9.54
C ASN A 91 2.67 26.31 9.94
N GLY A 92 2.28 26.10 11.20
CA GLY A 92 0.99 26.55 11.68
C GLY A 92 -0.21 25.80 11.10
N SER A 93 0.06 24.65 10.52
CA SER A 93 -0.97 23.82 9.93
C SER A 93 -1.45 22.85 11.03
N GLN A 94 -2.75 22.69 11.19
CA GLN A 94 -3.26 21.80 12.23
C GLN A 94 -3.13 20.35 11.89
N VAL A 95 -2.44 19.65 12.78
CA VAL A 95 -2.19 18.21 12.65
C VAL A 95 -3.28 17.37 13.31
N ASP A 96 -3.74 17.79 14.47
CA ASP A 96 -4.76 17.03 15.16
C ASP A 96 -5.41 17.84 16.26
N TYR A 97 -6.65 17.47 16.58
CA TYR A 97 -7.40 18.13 17.64
C TYR A 97 -8.23 17.09 18.39
N ILE A 98 -8.10 17.08 19.71
CA ILE A 98 -8.84 16.16 20.57
C ILE A 98 -9.62 17.09 21.50
N ALA A 99 -10.92 17.14 21.30
CA ALA A 99 -11.81 18.00 22.06
C ALA A 99 -11.79 17.75 23.56
N ASN A 100 -11.84 16.48 23.94
CA ASN A 100 -11.83 16.11 25.35
C ASN A 100 -10.95 14.89 25.55
N VAL A 101 -9.73 15.15 25.95
CA VAL A 101 -8.76 14.10 26.19
C VAL A 101 -9.31 13.00 27.10
N LEU A 102 -10.06 13.40 28.12
CA LEU A 102 -10.65 12.48 29.07
C LEU A 102 -11.65 11.51 28.46
N LYS A 103 -12.34 11.93 27.40
CA LYS A 103 -13.31 11.06 26.75
C LYS A 103 -12.66 10.16 25.70
N TYR A 104 -11.55 10.61 25.11
CA TYR A 104 -10.86 9.82 24.10
C TYR A 104 -10.19 8.62 24.76
N ALA B 1 -2.72 17.93 39.89
CA ALA B 1 -2.40 17.76 38.47
C ALA B 1 -2.13 16.30 38.17
N ASN B 2 -3.17 15.60 37.71
CA ASN B 2 -3.06 14.17 37.41
C ASN B 2 -3.25 13.82 35.96
N VAL B 3 -3.81 14.74 35.18
CA VAL B 3 -4.04 14.48 33.77
C VAL B 3 -2.76 14.80 32.99
N VAL B 4 -2.12 13.77 32.46
CA VAL B 4 -0.88 13.95 31.71
C VAL B 4 -1.15 14.10 30.21
N VAL B 5 -0.59 15.14 29.58
CA VAL B 5 -0.82 15.32 28.15
C VAL B 5 0.02 14.31 27.39
N SER B 6 -0.62 13.62 26.46
CA SER B 6 0.05 12.61 25.67
C SER B 6 -0.66 12.48 24.35
N ASN B 7 -0.15 11.59 23.50
CA ASN B 7 -0.74 11.36 22.20
C ASN B 7 -1.67 10.19 22.36
N PRO B 8 -3.00 10.42 22.21
CA PRO B 8 -3.96 9.32 22.37
C PRO B 8 -4.21 8.42 21.17
N ARG B 9 -3.92 8.88 19.96
CA ARG B 9 -4.13 8.06 18.76
C ARG B 9 -3.03 7.02 18.55
N PRO B 10 -3.42 5.74 18.46
CA PRO B 10 -2.42 4.67 18.27
C PRO B 10 -1.77 4.70 16.88
N ILE B 11 -0.48 4.36 16.84
CA ILE B 11 0.27 4.32 15.59
C ILE B 11 0.82 2.91 15.42
N PHE B 12 0.69 2.35 14.21
CA PHE B 12 1.14 0.99 13.91
C PHE B 12 2.36 1.00 12.99
N THR B 13 3.46 0.47 13.50
CA THR B 13 4.69 0.40 12.74
C THR B 13 5.11 -1.05 12.48
N GLU B 14 6.07 -1.26 11.59
CA GLU B 14 6.57 -2.59 11.27
C GLU B 14 7.29 -3.14 12.49
N SER B 15 7.57 -4.43 12.48
CA SER B 15 8.25 -5.06 13.60
C SER B 15 9.74 -5.28 13.42
N ARG B 16 10.20 -5.32 12.17
CA ARG B 16 11.62 -5.51 11.89
C ARG B 16 12.33 -4.22 11.37
N SER B 17 11.55 -3.16 11.17
CA SER B 17 12.08 -1.88 10.71
C SER B 17 11.20 -0.75 11.25
N PHE B 18 11.78 0.44 11.40
CA PHE B 18 11.05 1.60 11.91
C PHE B 18 10.34 2.30 10.76
N LYS B 19 9.17 1.77 10.40
CA LYS B 19 8.35 2.30 9.31
C LYS B 19 6.91 2.20 9.76
N ALA B 20 6.00 2.87 9.08
CA ALA B 20 4.59 2.80 9.40
C ALA B 20 4.02 1.66 8.58
N VAL B 21 3.02 0.95 9.11
CA VAL B 21 2.42 -0.13 8.34
C VAL B 21 1.45 0.51 7.33
N ALA B 22 2.00 1.35 6.45
CA ALA B 22 1.26 2.09 5.43
C ALA B 22 0.34 1.23 4.60
N ASN B 23 -0.95 1.57 4.59
CA ASN B 23 -1.93 0.82 3.82
C ASN B 23 -2.06 -0.62 4.27
N GLY B 24 -1.80 -0.87 5.55
CA GLY B 24 -1.89 -2.22 6.10
C GLY B 24 -3.31 -2.51 6.58
N LYS B 25 -3.51 -3.70 7.13
CA LYS B 25 -4.82 -4.10 7.62
C LYS B 25 -4.79 -4.67 9.03
N ILE B 26 -5.85 -4.38 9.80
CA ILE B 26 -5.98 -4.88 11.15
C ILE B 26 -7.28 -5.68 11.26
N TYR B 27 -7.19 -6.89 11.80
CA TYR B 27 -8.36 -7.74 11.98
C TYR B 27 -8.57 -7.91 13.48
N ILE B 28 -9.82 -7.75 13.91
CA ILE B 28 -10.20 -7.86 15.32
C ILE B 28 -11.08 -9.10 15.44
N GLY B 29 -10.73 -10.02 16.31
CA GLY B 29 -11.56 -11.21 16.45
C GLY B 29 -11.68 -11.73 17.87
N GLN B 30 -12.17 -12.95 17.99
CA GLN B 30 -12.36 -13.62 19.28
C GLN B 30 -11.00 -13.86 19.92
N ILE B 31 -10.91 -13.66 21.23
CA ILE B 31 -9.66 -13.88 21.92
C ILE B 31 -9.12 -15.27 21.59
N ASP B 32 -7.83 -15.35 21.31
CA ASP B 32 -7.15 -16.60 20.96
C ASP B 32 -7.57 -17.32 19.69
N THR B 33 -7.96 -16.56 18.68
CA THR B 33 -8.35 -17.12 17.38
C THR B 33 -7.70 -16.27 16.29
N ASP B 34 -7.77 -16.72 15.04
CA ASP B 34 -7.22 -15.98 13.91
C ASP B 34 -8.32 -15.04 13.46
N PRO B 35 -8.17 -13.73 13.71
CA PRO B 35 -9.19 -12.76 13.32
C PRO B 35 -9.32 -12.57 11.83
N VAL B 36 -8.37 -13.09 11.06
CA VAL B 36 -8.43 -12.93 9.62
C VAL B 36 -9.60 -13.75 9.11
N ASN B 37 -9.95 -14.78 9.88
CA ASN B 37 -11.08 -15.64 9.52
C ASN B 37 -12.33 -14.90 9.96
N PRO B 38 -13.21 -14.58 8.99
CA PRO B 38 -14.45 -13.86 9.29
C PRO B 38 -15.29 -14.51 10.37
N ALA B 39 -15.26 -15.84 10.43
CA ALA B 39 -16.03 -16.58 11.45
C ALA B 39 -15.60 -16.19 12.86
N ASN B 40 -14.39 -15.64 12.97
CA ASN B 40 -13.79 -15.25 14.25
C ASN B 40 -13.86 -13.77 14.59
N GLN B 41 -14.23 -12.95 13.62
CA GLN B 41 -14.27 -11.51 13.86
C GLN B 41 -15.43 -11.07 14.74
N ILE B 42 -15.22 -10.03 15.55
CA ILE B 42 -16.27 -9.48 16.40
C ILE B 42 -16.60 -8.11 15.80
N PRO B 43 -17.75 -7.50 16.20
CA PRO B 43 -18.08 -6.20 15.63
C PRO B 43 -17.11 -5.11 16.08
N VAL B 44 -16.86 -4.16 15.19
CA VAL B 44 -15.99 -3.03 15.49
C VAL B 44 -16.79 -1.78 15.19
N TYR B 45 -16.65 -0.76 16.03
CA TYR B 45 -17.39 0.48 15.84
C TYR B 45 -16.49 1.72 15.89
N ILE B 46 -16.88 2.73 15.13
CA ILE B 46 -16.18 4.00 15.14
C ILE B 46 -16.89 4.77 16.24
N GLU B 47 -16.13 5.35 17.15
CA GLU B 47 -16.75 6.16 18.20
C GLU B 47 -16.52 7.59 17.75
N ASN B 48 -17.58 8.24 17.31
CA ASN B 48 -17.50 9.61 16.84
C ASN B 48 -17.33 10.56 18.01
N GLU B 49 -16.89 11.79 17.73
CA GLU B 49 -16.69 12.82 18.75
C GLU B 49 -17.99 12.98 19.54
N ASP B 50 -19.08 12.85 18.78
CA ASP B 50 -20.45 12.93 19.24
C ASP B 50 -20.73 11.94 20.41
N GLY B 51 -20.00 10.84 20.44
CA GLY B 51 -20.19 9.83 21.47
C GLY B 51 -20.91 8.65 20.86
N SER B 52 -21.38 8.82 19.62
CA SER B 52 -22.08 7.76 18.91
C SER B 52 -21.13 6.73 18.35
N HIS B 53 -21.67 5.56 18.04
CA HIS B 53 -20.89 4.46 17.50
C HIS B 53 -21.47 3.95 16.21
N VAL B 54 -20.65 3.90 15.18
CA VAL B 54 -21.14 3.39 13.92
C VAL B 54 -20.28 2.21 13.52
N GLN B 55 -20.91 1.04 13.42
CA GLN B 55 -20.22 -0.17 13.06
C GLN B 55 -19.67 -0.09 11.67
N ILE B 56 -18.42 -0.54 11.50
CA ILE B 56 -17.80 -0.53 10.20
C ILE B 56 -17.36 -1.93 9.89
N THR B 57 -16.98 -2.13 8.63
CA THR B 57 -16.55 -3.42 8.16
C THR B 57 -15.06 -3.62 8.40
N GLN B 58 -14.62 -4.86 8.42
CA GLN B 58 -13.23 -5.16 8.65
C GLN B 58 -12.62 -5.58 7.33
N PRO B 59 -11.29 -5.53 7.21
CA PRO B 59 -10.31 -5.12 8.23
C PRO B 59 -10.28 -3.63 8.35
N LEU B 60 -9.59 -3.14 9.38
CA LEU B 60 -9.43 -1.71 9.59
C LEU B 60 -8.23 -1.33 8.74
N ILE B 61 -8.25 -0.13 8.18
CA ILE B 61 -7.17 0.35 7.32
C ILE B 61 -6.19 1.26 8.07
N ILE B 62 -4.91 1.08 7.80
CA ILE B 62 -3.88 1.90 8.42
C ILE B 62 -3.32 2.76 7.29
N ASN B 63 -3.31 4.08 7.50
CA ASN B 63 -2.82 4.99 6.45
C ASN B 63 -1.29 5.09 6.37
N ALA B 64 -0.78 6.04 5.59
CA ALA B 64 0.65 6.24 5.42
C ALA B 64 1.36 6.63 6.73
N ALA B 65 0.61 7.17 7.67
CA ALA B 65 1.16 7.59 8.96
C ALA B 65 1.08 6.47 9.98
N GLY B 66 0.53 5.33 9.58
CA GLY B 66 0.38 4.22 10.50
C GLY B 66 -0.80 4.44 11.42
N LYS B 67 -1.76 5.23 10.98
CA LYS B 67 -2.93 5.55 11.79
C LYS B 67 -4.21 5.01 11.17
N ILE B 68 -5.11 4.50 12.02
CA ILE B 68 -6.38 3.93 11.54
C ILE B 68 -7.23 5.02 10.95
N VAL B 69 -7.68 4.77 9.74
CA VAL B 69 -8.44 5.75 9.01
C VAL B 69 -9.69 5.16 8.38
N TYR B 70 -10.73 5.97 8.26
CA TYR B 70 -11.96 5.52 7.65
C TYR B 70 -12.56 6.69 6.92
N ASN B 71 -12.81 6.53 5.62
CA ASN B 71 -13.36 7.60 4.79
C ASN B 71 -12.33 8.71 4.65
N GLY B 72 -11.06 8.35 4.77
CA GLY B 72 -10.00 9.32 4.65
C GLY B 72 -9.72 10.13 5.89
N GLN B 73 -10.38 9.82 7.01
CA GLN B 73 -10.15 10.56 8.24
C GLN B 73 -9.82 9.66 9.41
N LEU B 74 -8.96 10.15 10.31
CA LEU B 74 -8.53 9.40 11.48
C LEU B 74 -9.73 9.15 12.41
N VAL B 75 -9.93 7.88 12.79
CA VAL B 75 -11.06 7.50 13.62
C VAL B 75 -10.65 6.73 14.86
N LYS B 76 -11.51 6.74 15.88
CA LYS B 76 -11.23 5.98 17.09
C LYS B 76 -12.07 4.73 16.98
N ILE B 77 -11.45 3.56 17.13
CA ILE B 77 -12.17 2.29 17.03
C ILE B 77 -12.34 1.68 18.39
N VAL B 78 -13.50 1.08 18.62
CA VAL B 78 -13.83 0.42 19.88
C VAL B 78 -14.61 -0.85 19.58
N THR B 79 -14.56 -1.81 20.49
CA THR B 79 -15.28 -3.08 20.39
C THR B 79 -15.96 -3.25 21.73
N VAL B 80 -16.74 -4.33 21.81
CA VAL B 80 -17.49 -4.66 23.01
C VAL B 80 -16.67 -5.39 24.06
N GLN B 81 -15.87 -6.37 23.63
CA GLN B 81 -15.06 -7.10 24.60
C GLN B 81 -13.62 -7.27 24.18
N GLY B 82 -12.83 -7.93 25.03
CA GLY B 82 -11.44 -8.18 24.74
C GLY B 82 -11.38 -8.87 23.40
N HIS B 83 -10.23 -8.84 22.73
CA HIS B 83 -10.13 -9.44 21.41
C HIS B 83 -8.71 -9.79 21.02
N SER B 84 -8.58 -10.55 19.95
CA SER B 84 -7.29 -10.90 19.39
C SER B 84 -7.13 -9.84 18.31
N MET B 85 -5.91 -9.55 17.92
CA MET B 85 -5.67 -8.52 16.93
C MET B 85 -4.52 -8.96 16.07
N ALA B 86 -4.74 -8.93 14.76
CA ALA B 86 -3.71 -9.32 13.81
C ALA B 86 -3.47 -8.13 12.88
N ILE B 87 -2.22 -7.78 12.68
CA ILE B 87 -1.88 -6.67 11.81
C ILE B 87 -1.11 -7.21 10.63
N TYR B 88 -1.49 -6.80 9.42
CA TYR B 88 -0.86 -7.25 8.20
C TYR B 88 -0.40 -6.07 7.35
N ASP B 89 0.73 -6.18 6.67
CA ASP B 89 1.19 -5.07 5.84
C ASP B 89 0.43 -5.05 4.51
N ALA B 90 0.71 -4.07 3.67
CA ALA B 90 0.05 -3.94 2.37
C ALA B 90 0.18 -5.16 1.49
N ASN B 91 1.21 -5.96 1.73
CA ASN B 91 1.46 -7.15 0.95
C ASN B 91 0.88 -8.42 1.51
N GLY B 92 0.02 -8.29 2.52
CA GLY B 92 -0.58 -9.48 3.10
C GLY B 92 0.35 -10.26 4.02
N SER B 93 1.51 -9.70 4.31
CA SER B 93 2.46 -10.36 5.18
C SER B 93 2.09 -9.98 6.60
N GLN B 94 2.15 -10.93 7.53
CA GLN B 94 1.78 -10.59 8.89
C GLN B 94 2.87 -9.82 9.60
N VAL B 95 2.47 -8.73 10.25
CA VAL B 95 3.37 -7.87 10.99
C VAL B 95 3.32 -8.16 12.50
N ASP B 96 2.14 -8.49 13.02
CA ASP B 96 2.02 -8.77 14.43
C ASP B 96 0.72 -9.47 14.77
N TYR B 97 0.71 -10.12 15.92
CA TYR B 97 -0.47 -10.82 16.36
C TYR B 97 -0.48 -10.82 17.87
N ILE B 98 -1.54 -10.26 18.43
CA ILE B 98 -1.74 -10.19 19.87
C ILE B 98 -2.98 -11.07 20.07
N ALA B 99 -2.80 -12.22 20.73
CA ALA B 99 -3.92 -13.14 20.98
C ALA B 99 -5.00 -12.58 21.90
N ASN B 100 -4.58 -11.86 22.93
CA ASN B 100 -5.53 -11.30 23.88
C ASN B 100 -5.06 -9.93 24.31
N VAL B 101 -5.66 -8.91 23.71
CA VAL B 101 -5.35 -7.52 24.03
C VAL B 101 -5.54 -7.21 25.52
N LEU B 102 -6.56 -7.82 26.14
CA LEU B 102 -6.85 -7.59 27.54
C LEU B 102 -5.74 -8.02 28.48
N LYS B 103 -5.04 -9.10 28.12
CA LYS B 103 -3.95 -9.59 28.94
C LYS B 103 -2.68 -8.78 28.69
N TYR B 104 -2.41 -8.49 27.41
CA TYR B 104 -1.21 -7.74 27.05
C TYR B 104 -1.15 -6.35 27.71
N ALA C 1 -19.57 -0.49 23.73
CA ALA C 1 -18.23 -0.54 23.15
C ALA C 1 -17.27 0.34 23.95
N ASN C 2 -16.63 -0.28 24.93
CA ASN C 2 -15.68 0.42 25.78
C ASN C 2 -14.26 -0.01 25.54
N VAL C 3 -14.06 -1.08 24.78
CA VAL C 3 -12.71 -1.56 24.51
C VAL C 3 -12.22 -0.86 23.26
N VAL C 4 -11.29 0.09 23.40
CA VAL C 4 -10.77 0.83 22.24
C VAL C 4 -9.58 0.09 21.66
N VAL C 5 -9.54 -0.10 20.34
CA VAL C 5 -8.40 -0.81 19.75
C VAL C 5 -7.19 0.11 19.61
N SER C 6 -6.02 -0.43 19.95
CA SER C 6 -4.79 0.33 19.91
C SER C 6 -3.59 -0.58 19.70
N ASN C 7 -2.40 -0.01 19.82
CA ASN C 7 -1.17 -0.77 19.64
C ASN C 7 -0.55 -0.99 21.00
N PRO C 8 -0.67 -2.22 21.53
CA PRO C 8 -0.13 -2.57 22.84
C PRO C 8 1.40 -2.73 22.90
N ARG C 9 2.03 -2.97 21.75
CA ARG C 9 3.50 -3.14 21.71
C ARG C 9 4.25 -1.82 21.86
N PRO C 10 5.08 -1.69 22.91
CA PRO C 10 5.81 -0.44 23.09
C PRO C 10 6.90 -0.30 22.03
N ILE C 11 7.20 0.94 21.67
CA ILE C 11 8.23 1.21 20.66
C ILE C 11 9.14 2.20 21.34
N PHE C 12 10.46 2.02 21.18
CA PHE C 12 11.45 2.90 21.79
C PHE C 12 12.19 3.63 20.70
N THR C 13 12.15 4.96 20.75
CA THR C 13 12.81 5.77 19.72
C THR C 13 13.78 6.75 20.38
N GLU C 14 14.63 7.40 19.57
CA GLU C 14 15.60 8.37 20.05
C GLU C 14 14.90 9.61 20.63
N SER C 15 15.58 10.31 21.53
CA SER C 15 15.00 11.50 22.12
C SER C 15 15.21 12.84 21.40
N ARG C 16 16.18 12.92 20.49
CA ARG C 16 16.46 14.15 19.75
C ARG C 16 16.23 14.02 18.24
N SER C 17 16.01 12.80 17.77
CA SER C 17 15.75 12.54 16.36
C SER C 17 14.69 11.45 16.25
N PHE C 18 13.91 11.49 15.19
CA PHE C 18 12.83 10.52 14.95
C PHE C 18 13.43 9.22 14.38
N LYS C 19 13.99 8.40 15.25
CA LYS C 19 14.58 7.13 14.83
C LYS C 19 14.33 6.13 15.92
N ALA C 20 14.42 4.85 15.60
CA ALA C 20 14.24 3.78 16.59
C ALA C 20 15.57 3.67 17.35
N VAL C 21 15.53 3.21 18.59
CA VAL C 21 16.76 3.04 19.34
C VAL C 21 17.25 1.68 18.89
N ALA C 22 17.54 1.59 17.59
CA ALA C 22 17.96 0.38 16.94
C ALA C 22 19.10 -0.31 17.64
N ASN C 23 18.86 -1.55 18.02
CA ASN C 23 19.87 -2.37 18.68
C ASN C 23 20.39 -1.71 19.95
N GLY C 24 19.48 -1.05 20.66
CA GLY C 24 19.82 -0.39 21.91
C GLY C 24 19.67 -1.39 23.04
N LYS C 25 19.77 -0.94 24.27
CA LYS C 25 19.67 -1.81 25.43
C LYS C 25 18.85 -1.13 26.51
N ILE C 26 18.01 -1.90 27.19
CA ILE C 26 17.16 -1.38 28.26
C ILE C 26 17.51 -2.08 29.56
N TYR C 27 17.73 -1.28 30.59
CA TYR C 27 18.05 -1.79 31.89
C TYR C 27 16.91 -1.40 32.79
N ILE C 28 16.44 -2.37 33.56
CA ILE C 28 15.35 -2.17 34.50
C ILE C 28 15.96 -2.33 35.90
N GLY C 29 15.65 -1.43 36.82
CA GLY C 29 16.22 -1.55 38.15
C GLY C 29 15.37 -0.97 39.26
N GLN C 30 15.94 -0.86 40.46
CA GLN C 30 15.24 -0.31 41.60
C GLN C 30 14.81 1.11 41.26
N ILE C 31 13.65 1.51 41.77
CA ILE C 31 13.16 2.86 41.57
C ILE C 31 14.25 3.84 42.04
N ASP C 32 14.44 4.91 41.28
CA ASP C 32 15.42 5.96 41.60
C ASP C 32 16.89 5.55 41.72
N THR C 33 17.31 4.54 40.96
CA THR C 33 18.71 4.11 40.97
C THR C 33 19.14 3.92 39.53
N ASP C 34 20.43 3.67 39.33
CA ASP C 34 21.00 3.45 38.00
C ASP C 34 20.90 1.95 37.68
N PRO C 35 19.98 1.58 36.81
CA PRO C 35 19.76 0.18 36.42
C PRO C 35 20.96 -0.46 35.73
N VAL C 36 21.85 0.35 35.18
CA VAL C 36 23.03 -0.17 34.48
C VAL C 36 23.90 -0.98 35.44
N ASN C 37 23.93 -0.54 36.70
CA ASN C 37 24.70 -1.20 37.75
C ASN C 37 23.94 -2.46 38.14
N PRO C 38 24.58 -3.63 38.01
CA PRO C 38 24.00 -4.93 38.33
C PRO C 38 23.44 -5.00 39.75
N ALA C 39 24.01 -4.22 40.66
CA ALA C 39 23.54 -4.21 42.03
C ALA C 39 22.16 -3.56 42.20
N ASN C 40 21.69 -2.85 41.17
CA ASN C 40 20.40 -2.17 41.21
C ASN C 40 19.32 -2.82 40.35
N GLN C 41 19.70 -3.83 39.58
CA GLN C 41 18.75 -4.49 38.70
C GLN C 41 17.73 -5.38 39.43
N ILE C 42 16.56 -5.55 38.83
CA ILE C 42 15.50 -6.37 39.38
C ILE C 42 15.11 -7.37 38.30
N PRO C 43 14.45 -8.48 38.67
CA PRO C 43 14.04 -9.50 37.70
C PRO C 43 13.12 -8.99 36.60
N VAL C 44 13.34 -9.51 35.40
CA VAL C 44 12.52 -9.15 34.26
C VAL C 44 12.01 -10.45 33.66
N TYR C 45 10.72 -10.50 33.31
CA TYR C 45 10.14 -11.73 32.76
C TYR C 45 9.46 -11.53 31.41
N ILE C 46 9.52 -12.56 30.59
CA ILE C 46 8.83 -12.55 29.32
C ILE C 46 7.48 -13.14 29.70
N GLU C 47 6.41 -12.47 29.35
CA GLU C 47 5.10 -12.98 29.64
C GLU C 47 4.61 -13.61 28.36
N ASN C 48 4.50 -14.93 28.37
CA ASN C 48 4.06 -15.66 27.20
C ASN C 48 2.55 -15.52 27.03
N GLU C 49 2.09 -15.82 25.81
CA GLU C 49 0.68 -15.78 25.43
C GLU C 49 -0.05 -16.71 26.42
N ASP C 50 0.65 -17.77 26.77
CA ASP C 50 0.26 -18.79 27.72
C ASP C 50 -0.12 -18.21 29.09
N GLY C 51 0.43 -17.04 29.40
CA GLY C 51 0.18 -16.41 30.69
C GLY C 51 1.35 -16.70 31.61
N SER C 52 2.18 -17.64 31.19
CA SER C 52 3.36 -18.04 31.95
C SER C 52 4.42 -16.96 31.83
N HIS C 53 5.42 -17.03 32.70
CA HIS C 53 6.50 -16.07 32.69
C HIS C 53 7.82 -16.81 32.72
N VAL C 54 8.77 -16.37 31.90
CA VAL C 54 10.07 -16.99 31.89
C VAL C 54 11.09 -15.86 32.10
N GLN C 55 11.82 -15.94 33.21
CA GLN C 55 12.80 -14.92 33.56
C GLN C 55 13.91 -14.90 32.56
N ILE C 56 14.29 -13.70 32.11
CA ILE C 56 15.38 -13.56 31.16
C ILE C 56 16.45 -12.68 31.75
N THR C 57 17.56 -12.56 31.06
CA THR C 57 18.66 -11.79 31.56
C THR C 57 18.65 -10.36 31.01
N GLN C 58 19.33 -9.45 31.71
CA GLN C 58 19.42 -8.07 31.30
C GLN C 58 20.74 -7.76 30.62
N PRO C 59 20.77 -6.72 29.77
CA PRO C 59 19.69 -5.81 29.39
C PRO C 59 18.76 -6.36 28.33
N LEU C 60 17.64 -5.68 28.15
CA LEU C 60 16.66 -6.04 27.15
C LEU C 60 17.19 -5.46 25.86
N ILE C 61 17.05 -6.22 24.78
CA ILE C 61 17.54 -5.81 23.46
C ILE C 61 16.42 -5.22 22.63
N ILE C 62 16.68 -4.09 22.00
CA ILE C 62 15.73 -3.40 21.15
C ILE C 62 16.13 -3.71 19.71
N ASN C 63 15.22 -4.18 18.88
CA ASN C 63 15.62 -4.48 17.52
C ASN C 63 15.61 -3.19 16.67
N ALA C 64 15.76 -3.32 15.35
CA ALA C 64 15.79 -2.16 14.46
C ALA C 64 14.47 -1.40 14.36
N ALA C 65 13.38 -2.04 14.77
CA ALA C 65 12.05 -1.42 14.72
C ALA C 65 11.75 -0.68 16.02
N GLY C 66 12.70 -0.71 16.94
CA GLY C 66 12.52 -0.02 18.21
C GLY C 66 11.70 -0.82 19.20
N LYS C 67 11.55 -2.11 18.95
CA LYS C 67 10.77 -2.96 19.82
C LYS C 67 11.63 -3.97 20.55
N ILE C 68 11.26 -4.31 21.77
CA ILE C 68 12.03 -5.27 22.55
C ILE C 68 11.83 -6.61 21.86
N VAL C 69 12.87 -7.43 21.87
CA VAL C 69 12.82 -8.72 21.20
C VAL C 69 13.65 -9.73 21.98
N TYR C 70 13.29 -11.00 21.86
CA TYR C 70 14.03 -12.05 22.51
C TYR C 70 13.85 -13.26 21.65
N ASN C 71 14.94 -13.95 21.36
CA ASN C 71 14.85 -15.13 20.54
C ASN C 71 14.21 -14.79 19.21
N GLY C 72 14.63 -13.65 18.67
CA GLY C 72 14.12 -13.21 17.39
C GLY C 72 12.64 -12.94 17.29
N GLN C 73 11.98 -12.75 18.42
CA GLN C 73 10.56 -12.49 18.36
C GLN C 73 10.14 -11.43 19.35
N LEU C 74 9.14 -10.67 18.95
CA LEU C 74 8.62 -9.59 19.77
C LEU C 74 8.11 -10.20 21.05
N VAL C 75 8.48 -9.60 22.18
CA VAL C 75 8.06 -10.10 23.48
C VAL C 75 7.49 -9.00 24.37
N LYS C 76 6.69 -9.42 25.35
CA LYS C 76 6.10 -8.53 26.34
C LYS C 76 6.92 -8.75 27.61
N ILE C 77 7.50 -7.68 28.18
CA ILE C 77 8.30 -7.84 29.38
C ILE C 77 7.57 -7.22 30.56
N VAL C 78 7.65 -7.89 31.70
CA VAL C 78 6.98 -7.44 32.92
C VAL C 78 7.91 -7.59 34.12
N THR C 79 7.64 -6.81 35.15
CA THR C 79 8.40 -6.85 36.40
C THR C 79 7.36 -6.93 37.51
N VAL C 80 7.81 -7.29 38.70
CA VAL C 80 6.91 -7.42 39.83
C VAL C 80 6.49 -6.04 40.34
N GLN C 81 7.49 -5.18 40.55
CA GLN C 81 7.21 -3.85 41.05
C GLN C 81 7.62 -2.75 40.10
N GLY C 82 7.44 -1.51 40.57
CA GLY C 82 7.82 -0.36 39.78
C GLY C 82 9.31 -0.43 39.59
N HIS C 83 9.82 0.37 38.67
CA HIS C 83 11.24 0.31 38.40
C HIS C 83 11.75 1.56 37.73
N SER C 84 13.06 1.74 37.74
CA SER C 84 13.69 2.85 37.05
C SER C 84 14.02 2.19 35.73
N MET C 85 14.16 3.00 34.69
CA MET C 85 14.43 2.46 33.38
C MET C 85 15.41 3.37 32.68
N ALA C 86 16.48 2.79 32.12
CA ALA C 86 17.49 3.55 31.39
C ALA C 86 17.61 2.94 30.00
N ILE C 87 17.57 3.77 28.97
CA ILE C 87 17.67 3.29 27.59
C ILE C 87 18.98 3.80 27.01
N TYR C 88 19.75 2.91 26.37
CA TYR C 88 21.03 3.24 25.75
C TYR C 88 21.01 2.87 24.28
N ASP C 89 21.66 3.66 23.43
CA ASP C 89 21.65 3.32 22.03
C ASP C 89 22.75 2.32 21.76
N ALA C 90 22.82 1.86 20.52
CA ALA C 90 23.81 0.87 20.10
C ALA C 90 25.22 1.27 20.45
N ASN C 91 25.48 2.57 20.55
CA ASN C 91 26.82 3.07 20.86
C ASN C 91 27.08 3.36 22.34
N GLY C 92 26.24 2.84 23.23
CA GLY C 92 26.44 3.07 24.66
C GLY C 92 26.10 4.45 25.17
N SER C 93 25.39 5.24 24.37
CA SER C 93 25.02 6.57 24.77
C SER C 93 23.64 6.48 25.38
N GLN C 94 23.43 7.18 26.50
CA GLN C 94 22.13 7.14 27.14
C GLN C 94 21.09 7.95 26.37
N VAL C 95 20.00 7.29 26.02
CA VAL C 95 18.90 7.92 25.29
C VAL C 95 17.88 8.54 26.25
N ASP C 96 17.60 7.86 27.36
CA ASP C 96 16.62 8.35 28.30
C ASP C 96 16.70 7.57 29.60
N TYR C 97 16.13 8.14 30.64
CA TYR C 97 16.12 7.51 31.95
C TYR C 97 14.86 7.98 32.67
N ILE C 98 14.08 7.03 33.16
CA ILE C 98 12.85 7.29 33.91
C ILE C 98 13.13 6.68 35.29
N ALA C 99 13.33 7.51 36.29
CA ALA C 99 13.64 7.02 37.63
C ALA C 99 12.54 6.18 38.26
N ASN C 100 11.29 6.48 37.96
CA ASN C 100 10.19 5.71 38.53
C ASN C 100 9.03 5.67 37.55
N VAL C 101 8.93 4.53 36.85
CA VAL C 101 7.89 4.28 35.86
C VAL C 101 6.48 4.43 36.40
N LEU C 102 6.28 4.04 37.65
CA LEU C 102 4.98 4.13 38.31
C LEU C 102 4.50 5.57 38.46
N LYS C 103 5.41 6.46 38.86
CA LYS C 103 5.05 7.86 39.02
C LYS C 103 4.81 8.52 37.68
N TYR C 104 5.58 8.13 36.67
CA TYR C 104 5.44 8.71 35.34
C TYR C 104 4.09 8.39 34.70
N ALA D 1 -1.84 -20.63 -6.65
CA ALA D 1 -1.39 -19.94 -7.86
C ALA D 1 -2.47 -19.05 -8.47
N ASN D 2 -2.65 -17.87 -7.88
CA ASN D 2 -3.64 -16.91 -8.34
C ASN D 2 -3.04 -15.70 -9.03
N VAL D 3 -1.77 -15.44 -8.76
CA VAL D 3 -1.11 -14.30 -9.36
C VAL D 3 -0.55 -14.72 -10.71
N VAL D 4 -1.14 -14.21 -11.79
CA VAL D 4 -0.66 -14.54 -13.13
C VAL D 4 0.39 -13.51 -13.52
N VAL D 5 1.43 -13.95 -14.21
CA VAL D 5 2.48 -13.03 -14.62
C VAL D 5 2.01 -12.34 -15.90
N SER D 6 2.26 -11.03 -15.96
CA SER D 6 1.87 -10.25 -17.13
C SER D 6 2.72 -8.99 -17.23
N ASN D 7 2.36 -8.12 -18.15
CA ASN D 7 3.06 -6.88 -18.34
C ASN D 7 2.14 -5.76 -17.88
N PRO D 8 2.45 -5.15 -16.73
CA PRO D 8 1.64 -4.05 -16.20
C PRO D 8 1.89 -2.66 -16.83
N ARG D 9 3.03 -2.47 -17.51
CA ARG D 9 3.35 -1.18 -18.14
C ARG D 9 2.52 -0.91 -19.39
N PRO D 10 1.68 0.13 -19.34
CA PRO D 10 0.85 0.46 -20.50
C PRO D 10 1.67 0.89 -21.71
N ILE D 11 1.16 0.56 -22.89
CA ILE D 11 1.84 0.91 -24.13
C ILE D 11 0.80 1.64 -24.99
N PHE D 12 1.23 2.69 -25.68
CA PHE D 12 0.35 3.52 -26.50
C PHE D 12 0.75 3.44 -27.95
N THR D 13 -0.12 2.90 -28.79
CA THR D 13 0.17 2.75 -30.22
C THR D 13 -0.87 3.52 -31.04
N GLU D 14 -0.61 3.66 -32.34
CA GLU D 14 -1.50 4.36 -33.26
C GLU D 14 -2.78 3.56 -33.38
N SER D 15 -3.84 4.21 -33.84
CA SER D 15 -5.13 3.56 -33.97
C SER D 15 -5.46 3.08 -35.35
N ARG D 16 -4.64 3.46 -36.33
CA ARG D 16 -4.84 3.05 -37.72
C ARG D 16 -3.66 2.24 -38.26
N SER D 17 -2.56 2.25 -37.53
CA SER D 17 -1.36 1.50 -37.92
C SER D 17 -0.70 0.93 -36.67
N PHE D 18 0.12 -0.09 -36.84
CA PHE D 18 0.79 -0.75 -35.74
C PHE D 18 2.13 -0.08 -35.49
N LYS D 19 2.11 1.02 -34.76
CA LYS D 19 3.30 1.76 -34.43
C LYS D 19 3.05 2.35 -33.06
N ALA D 20 4.11 2.75 -32.37
CA ALA D 20 3.96 3.37 -31.06
C ALA D 20 3.71 4.85 -31.32
N VAL D 21 2.99 5.52 -30.43
CA VAL D 21 2.74 6.95 -30.61
C VAL D 21 3.98 7.66 -30.06
N ALA D 22 5.11 7.45 -30.73
CA ALA D 22 6.40 8.03 -30.36
C ALA D 22 6.34 9.55 -30.35
N ASN D 23 6.74 10.12 -29.22
CA ASN D 23 6.73 11.55 -29.01
C ASN D 23 5.32 12.11 -29.11
N GLY D 24 4.37 11.27 -28.69
CA GLY D 24 2.97 11.66 -28.65
C GLY D 24 2.73 12.31 -27.30
N LYS D 25 1.54 12.86 -27.11
CA LYS D 25 1.22 13.54 -25.86
C LYS D 25 -0.08 13.01 -25.30
N ILE D 26 -0.15 12.89 -23.99
CA ILE D 26 -1.36 12.42 -23.35
C ILE D 26 -1.90 13.52 -22.46
N TYR D 27 -3.19 13.81 -22.63
CA TYR D 27 -3.88 14.81 -21.84
C TYR D 27 -4.90 14.13 -20.93
N ILE D 28 -4.81 14.39 -19.64
CA ILE D 28 -5.71 13.81 -18.66
C ILE D 28 -6.61 14.94 -18.17
N GLY D 29 -7.91 14.71 -18.07
CA GLY D 29 -8.81 15.76 -17.61
C GLY D 29 -10.13 15.32 -16.99
N GLN D 30 -11.07 16.26 -16.88
CA GLN D 30 -12.38 16.00 -16.30
C GLN D 30 -13.16 15.03 -17.19
N ILE D 31 -13.88 14.12 -16.55
CA ILE D 31 -14.70 13.14 -17.27
C ILE D 31 -15.57 13.84 -18.32
N ASP D 32 -15.64 13.26 -19.50
CA ASP D 32 -16.44 13.80 -20.59
C ASP D 32 -16.13 15.23 -21.03
N THR D 33 -14.90 15.68 -20.83
CA THR D 33 -14.51 17.01 -21.26
C THR D 33 -13.29 16.79 -22.12
N ASP D 34 -12.84 17.83 -22.80
CA ASP D 34 -11.66 17.77 -23.63
C ASP D 34 -10.45 18.13 -22.73
N PRO D 35 -9.62 17.13 -22.36
CA PRO D 35 -8.45 17.35 -21.50
C PRO D 35 -7.42 18.29 -22.09
N VAL D 36 -7.50 18.54 -23.39
CA VAL D 36 -6.53 19.43 -24.03
C VAL D 36 -6.63 20.86 -23.50
N ASN D 37 -7.83 21.26 -23.13
CA ASN D 37 -8.05 22.59 -22.61
C ASN D 37 -7.62 22.56 -21.15
N PRO D 38 -6.63 23.40 -20.77
CA PRO D 38 -6.08 23.50 -19.42
C PRO D 38 -7.14 23.59 -18.34
N ALA D 39 -8.28 24.16 -18.69
CA ALA D 39 -9.40 24.31 -17.75
C ALA D 39 -9.96 22.97 -17.30
N ASN D 40 -9.90 21.98 -18.19
CA ASN D 40 -10.43 20.66 -17.92
C ASN D 40 -9.43 19.71 -17.27
N GLN D 41 -8.16 20.04 -17.34
CA GLN D 41 -7.12 19.17 -16.79
C GLN D 41 -7.23 18.97 -15.28
N ILE D 42 -6.73 17.84 -14.81
CA ILE D 42 -6.72 17.50 -13.38
C ILE D 42 -5.25 17.21 -13.05
N PRO D 43 -4.93 17.09 -11.74
CA PRO D 43 -3.54 16.80 -11.36
C PRO D 43 -3.13 15.36 -11.65
N VAL D 44 -1.92 15.22 -12.16
CA VAL D 44 -1.34 13.92 -12.48
C VAL D 44 -0.11 13.73 -11.61
N TYR D 45 0.12 12.53 -11.12
CA TYR D 45 1.28 12.30 -10.27
C TYR D 45 2.07 11.10 -10.72
N ILE D 46 3.37 11.13 -10.48
CA ILE D 46 4.23 10.00 -10.76
C ILE D 46 4.17 9.24 -9.44
N GLU D 47 3.94 7.94 -9.49
CA GLU D 47 3.91 7.18 -8.26
C GLU D 47 5.21 6.42 -8.21
N ASN D 48 6.07 6.82 -7.29
CA ASN D 48 7.37 6.20 -7.16
C ASN D 48 7.25 4.79 -6.59
N GLU D 49 8.30 4.00 -6.81
CA GLU D 49 8.39 2.64 -6.32
C GLU D 49 8.24 2.76 -4.80
N ASP D 50 8.84 3.84 -4.30
CA ASP D 50 8.82 4.23 -2.90
C ASP D 50 7.40 4.25 -2.34
N GLY D 51 6.44 4.59 -3.19
CA GLY D 51 5.06 4.69 -2.79
C GLY D 51 4.64 6.16 -2.81
N SER D 52 5.64 7.04 -2.89
CA SER D 52 5.41 8.47 -2.91
C SER D 52 4.88 8.94 -4.27
N HIS D 53 4.19 10.08 -4.25
CA HIS D 53 3.62 10.65 -5.46
C HIS D 53 4.21 12.03 -5.72
N VAL D 54 4.65 12.28 -6.95
CA VAL D 54 5.20 13.58 -7.32
C VAL D 54 4.43 14.17 -8.49
N GLN D 55 3.65 15.22 -8.21
CA GLN D 55 2.88 15.87 -9.26
C GLN D 55 3.74 16.41 -10.39
N ILE D 56 3.31 16.17 -11.61
CA ILE D 56 4.04 16.66 -12.75
C ILE D 56 3.09 17.42 -13.65
N THR D 57 3.67 18.04 -14.66
CA THR D 57 2.92 18.83 -15.60
C THR D 57 2.43 18.03 -16.82
N GLN D 58 1.37 18.53 -17.45
CA GLN D 58 0.81 17.89 -18.61
C GLN D 58 1.26 18.60 -19.87
N PRO D 59 1.22 17.93 -21.03
CA PRO D 59 0.79 16.55 -21.24
C PRO D 59 1.90 15.59 -20.82
N LEU D 60 1.59 14.31 -20.80
CA LEU D 60 2.58 13.32 -20.42
C LEU D 60 3.22 12.97 -21.75
N ILE D 61 4.51 12.66 -21.74
CA ILE D 61 5.23 12.35 -22.97
C ILE D 61 5.38 10.85 -23.22
N ILE D 62 5.07 10.43 -24.44
CA ILE D 62 5.18 9.03 -24.82
C ILE D 62 6.51 8.88 -25.59
N ASN D 63 7.33 7.90 -25.25
CA ASN D 63 8.60 7.75 -25.96
C ASN D 63 8.54 6.92 -27.22
N ALA D 64 9.70 6.58 -27.77
CA ALA D 64 9.81 5.78 -28.99
C ALA D 64 9.14 4.43 -28.85
N ALA D 65 9.17 3.87 -27.63
CA ALA D 65 8.57 2.56 -27.37
C ALA D 65 7.05 2.62 -27.05
N GLY D 66 6.50 3.83 -27.12
CA GLY D 66 5.10 4.01 -26.83
C GLY D 66 4.76 3.93 -25.36
N LYS D 67 5.71 4.22 -24.48
CA LYS D 67 5.48 4.16 -23.03
C LYS D 67 5.67 5.53 -22.40
N ILE D 68 4.86 5.85 -21.40
CA ILE D 68 4.94 7.15 -20.71
C ILE D 68 6.28 7.22 -20.00
N VAL D 69 6.98 8.32 -20.18
CA VAL D 69 8.31 8.48 -19.62
C VAL D 69 8.48 9.89 -18.99
N TYR D 70 9.35 10.01 -18.00
CA TYR D 70 9.63 11.31 -17.38
C TYR D 70 11.11 11.36 -17.08
N ASN D 71 11.80 12.36 -17.60
CA ASN D 71 13.25 12.46 -17.40
C ASN D 71 13.93 11.20 -17.90
N GLY D 72 13.54 10.77 -19.09
CA GLY D 72 14.14 9.59 -19.67
C GLY D 72 13.82 8.26 -19.02
N GLN D 73 13.00 8.25 -17.98
CA GLN D 73 12.66 7.00 -17.31
C GLN D 73 11.17 6.66 -17.33
N LEU D 74 10.87 5.37 -17.44
CA LEU D 74 9.50 4.89 -17.46
C LEU D 74 8.83 5.14 -16.12
N VAL D 75 7.63 5.69 -16.13
CA VAL D 75 6.95 5.98 -14.89
C VAL D 75 5.49 5.52 -14.86
N LYS D 76 4.92 5.53 -13.66
CA LYS D 76 3.53 5.16 -13.45
C LYS D 76 2.80 6.45 -13.10
N ILE D 77 1.74 6.77 -13.81
CA ILE D 77 1.01 8.00 -13.53
C ILE D 77 -0.36 7.67 -12.92
N VAL D 78 -0.74 8.40 -11.89
CA VAL D 78 -2.03 8.15 -11.23
C VAL D 78 -2.77 9.47 -10.96
N THR D 79 -4.10 9.38 -10.95
CA THR D 79 -4.95 10.53 -10.67
C THR D 79 -5.83 10.14 -9.49
N VAL D 80 -6.46 11.14 -8.87
CA VAL D 80 -7.32 10.90 -7.73
C VAL D 80 -8.66 10.26 -8.12
N GLN D 81 -9.25 10.74 -9.21
CA GLN D 81 -10.54 10.21 -9.65
C GLN D 81 -10.50 9.82 -11.12
N GLY D 82 -11.63 9.31 -11.62
CA GLY D 82 -11.71 8.91 -13.01
C GLY D 82 -11.35 10.11 -13.85
N HIS D 83 -11.01 9.87 -15.11
CA HIS D 83 -10.60 10.98 -15.96
C HIS D 83 -10.80 10.67 -17.43
N SER D 84 -10.83 11.72 -18.23
CA SER D 84 -10.95 11.56 -19.66
C SER D 84 -9.52 11.45 -20.11
N MET D 85 -9.31 10.94 -21.31
CA MET D 85 -7.97 10.78 -21.79
C MET D 85 -7.90 10.99 -23.28
N ALA D 86 -7.05 11.93 -23.68
CA ALA D 86 -6.86 12.24 -25.09
C ALA D 86 -5.43 11.90 -25.37
N ILE D 87 -5.19 11.31 -26.53
CA ILE D 87 -3.84 10.93 -26.94
C ILE D 87 -3.61 11.59 -28.27
N TYR D 88 -2.48 12.28 -28.42
CA TYR D 88 -2.11 12.96 -29.66
C TYR D 88 -0.76 12.47 -30.16
N ASP D 89 -0.60 12.38 -31.48
CA ASP D 89 0.66 11.93 -32.03
C ASP D 89 1.65 13.08 -32.13
N ALA D 90 2.86 12.79 -32.59
CA ALA D 90 3.91 13.78 -32.70
C ALA D 90 3.53 15.03 -33.51
N ASN D 91 2.55 14.90 -34.41
CA ASN D 91 2.13 16.04 -35.24
C ASN D 91 0.89 16.73 -34.72
N GLY D 92 0.50 16.47 -33.48
CA GLY D 92 -0.67 17.11 -32.90
C GLY D 92 -2.00 16.58 -33.40
N SER D 93 -1.95 15.43 -34.06
CA SER D 93 -3.12 14.77 -34.62
C SER D 93 -3.68 13.83 -33.54
N GLN D 94 -4.99 13.83 -33.34
CA GLN D 94 -5.57 12.96 -32.31
C GLN D 94 -5.58 11.49 -32.66
N VAL D 95 -5.03 10.69 -31.75
CA VAL D 95 -4.93 9.23 -31.89
C VAL D 95 -6.11 8.51 -31.24
N ASP D 96 -6.45 8.95 -30.04
CA ASP D 96 -7.55 8.33 -29.32
C ASP D 96 -8.07 9.25 -28.23
N TYR D 97 -9.32 9.02 -27.86
CA TYR D 97 -9.98 9.78 -26.81
C TYR D 97 -10.88 8.80 -26.10
N ILE D 98 -10.76 8.77 -24.78
CA ILE D 98 -11.53 7.93 -23.90
C ILE D 98 -12.17 8.96 -22.98
N ALA D 99 -13.49 9.13 -23.05
CA ALA D 99 -14.21 10.11 -22.24
C ALA D 99 -14.17 9.86 -20.73
N ASN D 100 -14.31 8.61 -20.33
CA ASN D 100 -14.26 8.26 -18.92
C ASN D 100 -13.54 6.95 -18.82
N VAL D 101 -12.32 6.99 -18.36
CA VAL D 101 -11.53 5.78 -18.22
C VAL D 101 -12.15 4.71 -17.33
N LEU D 102 -12.87 5.13 -16.30
CA LEU D 102 -13.52 4.21 -15.34
C LEU D 102 -14.69 3.41 -15.91
N LYS D 103 -15.43 3.99 -16.85
CA LYS D 103 -16.53 3.28 -17.47
C LYS D 103 -15.98 2.35 -18.54
N TYR D 104 -14.86 2.73 -19.16
CA TYR D 104 -14.25 1.88 -20.18
C TYR D 104 -13.73 0.57 -19.61
N ALA E 1 -4.56 8.56 -4.47
CA ALA E 1 -4.35 8.28 -5.89
C ALA E 1 -4.25 6.77 -6.16
N ASN E 2 -5.35 6.20 -6.62
CA ASN E 2 -5.43 4.77 -6.91
C ASN E 2 -5.71 4.47 -8.39
N VAL E 3 -6.21 5.48 -9.10
CA VAL E 3 -6.54 5.34 -10.52
C VAL E 3 -5.29 5.50 -11.37
N VAL E 4 -4.71 4.39 -11.81
CA VAL E 4 -3.50 4.43 -12.60
C VAL E 4 -3.89 4.67 -14.06
N VAL E 5 -3.11 5.47 -14.78
CA VAL E 5 -3.42 5.74 -16.18
C VAL E 5 -2.85 4.61 -17.04
N SER E 6 -3.64 4.14 -18.00
CA SER E 6 -3.21 3.06 -18.86
C SER E 6 -3.92 3.14 -20.21
N ASN E 7 -3.67 2.15 -21.04
CA ASN E 7 -4.24 2.04 -22.35
C ASN E 7 -5.27 0.91 -22.27
N PRO E 8 -6.56 1.25 -22.12
CA PRO E 8 -7.59 0.21 -22.04
C PRO E 8 -7.97 -0.53 -23.32
N ARG E 9 -7.65 0.01 -24.48
CA ARG E 9 -8.01 -0.66 -25.74
C ARG E 9 -7.12 -1.87 -25.98
N PRO E 10 -7.72 -3.02 -26.29
CA PRO E 10 -6.89 -4.20 -26.52
C PRO E 10 -6.31 -4.15 -27.92
N ILE E 11 -5.15 -4.77 -28.09
CA ILE E 11 -4.49 -4.84 -29.38
C ILE E 11 -4.18 -6.30 -29.61
N PHE E 12 -4.47 -6.79 -30.79
CA PHE E 12 -4.24 -8.19 -31.11
C PHE E 12 -3.08 -8.31 -32.08
N THR E 13 -2.09 -9.11 -31.72
CA THR E 13 -0.90 -9.29 -32.54
C THR E 13 -0.67 -10.77 -32.88
N GLU E 14 0.29 -11.03 -33.76
CA GLU E 14 0.63 -12.39 -34.17
C GLU E 14 1.28 -13.11 -33.00
N SER E 15 1.30 -14.44 -33.08
CA SER E 15 1.90 -15.23 -32.02
C SER E 15 3.33 -15.69 -32.29
N ARG E 16 3.71 -15.72 -33.57
CA ARG E 16 5.05 -16.15 -33.95
C ARG E 16 5.92 -14.96 -34.39
N SER E 17 5.30 -13.82 -34.64
CA SER E 17 6.01 -12.61 -35.05
C SER E 17 5.36 -11.40 -34.38
N PHE E 18 6.10 -10.30 -34.28
CA PHE E 18 5.61 -9.07 -33.66
C PHE E 18 4.91 -8.20 -34.69
N LYS E 19 3.69 -8.57 -35.05
CA LYS E 19 2.90 -7.83 -36.03
C LYS E 19 1.48 -7.74 -35.54
N ALA E 20 0.70 -6.82 -36.08
CA ALA E 20 -0.70 -6.75 -35.72
C ALA E 20 -1.40 -7.82 -36.57
N VAL E 21 -2.55 -8.30 -36.14
CA VAL E 21 -3.26 -9.29 -36.93
C VAL E 21 -4.14 -8.42 -37.81
N ALA E 22 -3.49 -7.75 -38.75
CA ALA E 22 -4.17 -6.84 -39.65
C ALA E 22 -5.25 -7.52 -40.45
N ASN E 23 -6.45 -6.96 -40.36
CA ASN E 23 -7.59 -7.46 -41.08
C ASN E 23 -7.88 -8.90 -40.71
N GLY E 24 -7.68 -9.20 -39.43
CA GLY E 24 -7.94 -10.52 -38.89
C GLY E 24 -9.36 -10.55 -38.39
N LYS E 25 -9.83 -11.74 -38.04
CA LYS E 25 -11.19 -11.93 -37.56
C LYS E 25 -11.26 -12.62 -36.20
N ILE E 26 -12.15 -12.13 -35.35
CA ILE E 26 -12.34 -12.68 -34.02
C ILE E 26 -13.75 -13.26 -33.90
N TYR E 27 -13.83 -14.50 -33.45
CA TYR E 27 -15.11 -15.17 -33.25
C TYR E 27 -15.26 -15.37 -31.76
N ILE E 28 -16.46 -15.08 -31.26
CA ILE E 28 -16.75 -15.25 -29.85
C ILE E 28 -17.83 -16.31 -29.74
N GLY E 29 -17.61 -17.32 -28.90
CA GLY E 29 -18.61 -18.36 -28.76
C GLY E 29 -18.79 -18.87 -27.34
N GLN E 30 -19.42 -20.03 -27.22
CA GLN E 30 -19.65 -20.64 -25.92
C GLN E 30 -18.32 -21.16 -25.41
N ILE E 31 -18.16 -21.14 -24.10
CA ILE E 31 -16.96 -21.64 -23.45
C ILE E 31 -16.66 -23.08 -23.92
N ASP E 32 -15.41 -23.33 -24.27
CA ASP E 32 -14.95 -24.64 -24.72
C ASP E 32 -15.57 -25.16 -26.02
N THR E 33 -15.90 -24.27 -26.94
CA THR E 33 -16.44 -24.70 -28.23
C THR E 33 -15.76 -23.89 -29.31
N ASP E 34 -15.86 -24.32 -30.56
CA ASP E 34 -15.24 -23.60 -31.65
C ASP E 34 -16.18 -22.45 -32.01
N PRO E 35 -15.79 -21.20 -31.72
CA PRO E 35 -16.60 -20.03 -32.02
C PRO E 35 -16.82 -19.80 -33.52
N VAL E 36 -15.96 -20.42 -34.32
CA VAL E 36 -16.05 -20.26 -35.77
C VAL E 36 -17.38 -20.82 -36.26
N ASN E 37 -17.83 -21.89 -35.61
CA ASN E 37 -19.08 -22.56 -35.96
C ASN E 37 -20.18 -21.70 -35.39
N PRO E 38 -21.06 -21.18 -36.27
CA PRO E 38 -22.19 -20.32 -35.88
C PRO E 38 -23.08 -20.92 -34.80
N ALA E 39 -23.14 -22.24 -34.70
CA ALA E 39 -23.97 -22.87 -33.67
C ALA E 39 -23.39 -22.62 -32.28
N ASN E 40 -22.13 -22.20 -32.22
CA ASN E 40 -21.44 -21.95 -30.96
C ASN E 40 -21.29 -20.49 -30.60
N GLN E 41 -21.68 -19.61 -31.50
CA GLN E 41 -21.55 -18.19 -31.27
C GLN E 41 -22.57 -17.62 -30.31
N ILE E 42 -22.15 -16.58 -29.60
CA ILE E 42 -23.01 -15.90 -28.64
C ILE E 42 -23.12 -14.45 -29.12
N PRO E 43 -24.11 -13.69 -28.64
CA PRO E 43 -24.23 -12.30 -29.11
C PRO E 43 -23.09 -11.43 -28.60
N VAL E 44 -22.65 -10.51 -29.46
CA VAL E 44 -21.58 -9.59 -29.15
C VAL E 44 -22.16 -8.22 -29.35
N TYR E 45 -21.86 -7.31 -28.43
CA TYR E 45 -22.37 -5.96 -28.48
C TYR E 45 -21.30 -4.90 -28.41
N ILE E 46 -21.59 -3.77 -29.02
CA ILE E 46 -20.69 -2.64 -28.97
C ILE E 46 -21.20 -1.89 -27.76
N GLU E 47 -20.31 -1.41 -26.91
CA GLU E 47 -20.74 -0.63 -25.77
C GLU E 47 -20.35 0.80 -26.05
N ASN E 48 -21.34 1.64 -26.32
CA ASN E 48 -21.08 3.03 -26.62
C ASN E 48 -20.69 3.79 -25.37
N GLU E 49 -20.06 4.94 -25.56
CA GLU E 49 -19.63 5.83 -24.48
C GLU E 49 -20.88 6.17 -23.67
N ASP E 50 -22.00 6.24 -24.40
CA ASP E 50 -23.32 6.51 -23.88
C ASP E 50 -23.67 5.47 -22.81
N GLY E 51 -23.19 4.24 -23.00
CA GLY E 51 -23.47 3.17 -22.07
C GLY E 51 -24.45 2.20 -22.72
N SER E 52 -24.98 2.61 -23.86
CA SER E 52 -25.92 1.78 -24.60
C SER E 52 -25.12 0.70 -25.29
N HIS E 53 -25.81 -0.37 -25.69
CA HIS E 53 -25.16 -1.47 -26.36
C HIS E 53 -25.85 -1.71 -27.67
N VAL E 54 -25.07 -1.94 -28.71
CA VAL E 54 -25.63 -2.23 -30.01
C VAL E 54 -25.07 -3.56 -30.52
N GLN E 55 -25.94 -4.57 -30.58
CA GLN E 55 -25.54 -5.89 -31.05
C GLN E 55 -25.06 -5.82 -32.48
N ILE E 56 -23.88 -6.40 -32.72
CA ILE E 56 -23.31 -6.45 -34.06
C ILE E 56 -23.08 -7.90 -34.47
N THR E 57 -22.87 -8.09 -35.76
CA THR E 57 -22.66 -9.40 -36.35
C THR E 57 -21.20 -9.86 -36.19
N GLN E 58 -20.96 -11.17 -36.31
CA GLN E 58 -19.62 -11.73 -36.21
C GLN E 58 -19.12 -12.19 -37.57
N PRO E 59 -17.79 -12.28 -37.75
CA PRO E 59 -16.73 -11.99 -36.79
C PRO E 59 -16.48 -10.50 -36.56
N LEU E 60 -15.69 -10.20 -35.53
CA LEU E 60 -15.30 -8.85 -35.19
C LEU E 60 -14.04 -8.60 -36.02
N ILE E 61 -13.98 -7.47 -36.70
CA ILE E 61 -12.85 -7.12 -37.57
C ILE E 61 -11.71 -6.47 -36.81
N ILE E 62 -10.48 -6.90 -37.07
CA ILE E 62 -9.28 -6.32 -36.44
C ILE E 62 -8.62 -5.42 -37.50
N ASN E 63 -8.46 -4.13 -37.24
CA ASN E 63 -7.86 -3.25 -38.26
C ASN E 63 -6.33 -3.44 -38.36
N ALA E 64 -5.65 -2.63 -39.18
CA ALA E 64 -4.19 -2.73 -39.34
C ALA E 64 -3.43 -2.42 -38.07
N ALA E 65 -4.04 -1.69 -37.15
CA ALA E 65 -3.39 -1.38 -35.88
C ALA E 65 -3.55 -2.51 -34.86
N GLY E 66 -4.29 -3.55 -35.23
CA GLY E 66 -4.52 -4.66 -34.33
C GLY E 66 -5.66 -4.37 -33.36
N LYS E 67 -6.54 -3.43 -33.71
CA LYS E 67 -7.65 -3.06 -32.85
C LYS E 67 -9.01 -3.35 -33.46
N ILE E 68 -9.98 -3.73 -32.64
CA ILE E 68 -11.32 -4.03 -33.12
C ILE E 68 -11.98 -2.72 -33.58
N VAL E 69 -12.54 -2.78 -34.77
CA VAL E 69 -13.14 -1.61 -35.38
C VAL E 69 -14.53 -1.92 -35.96
N TYR E 70 -15.44 -0.96 -35.85
CA TYR E 70 -16.76 -1.13 -36.39
C TYR E 70 -17.17 0.19 -36.96
N ASN E 71 -17.51 0.19 -38.24
CA ASN E 71 -17.92 1.40 -38.92
C ASN E 71 -16.87 2.50 -38.87
N GLY E 72 -15.62 2.12 -39.06
CA GLY E 72 -14.55 3.10 -39.05
C GLY E 72 -14.12 3.63 -37.69
N GLN E 73 -14.70 3.10 -36.62
CA GLN E 73 -14.32 3.58 -35.31
C GLN E 73 -13.89 2.45 -34.42
N LEU E 74 -12.93 2.72 -33.56
CA LEU E 74 -12.44 1.74 -32.61
C LEU E 74 -13.58 1.57 -31.60
N VAL E 75 -13.99 0.34 -31.35
CA VAL E 75 -15.09 0.09 -30.42
C VAL E 75 -14.69 -0.80 -29.26
N LYS E 76 -15.56 -0.86 -28.26
CA LYS E 76 -15.38 -1.71 -27.09
C LYS E 76 -16.45 -2.79 -27.22
N ILE E 77 -16.05 -4.06 -27.25
CA ILE E 77 -17.01 -5.14 -27.39
C ILE E 77 -17.23 -5.86 -26.08
N VAL E 78 -18.49 -6.21 -25.81
CA VAL E 78 -18.84 -6.90 -24.60
C VAL E 78 -19.80 -8.05 -24.90
N THR E 79 -19.84 -9.03 -24.00
CA THR E 79 -20.73 -10.18 -24.09
C THR E 79 -21.35 -10.27 -22.71
N VAL E 80 -22.44 -11.01 -22.59
CA VAL E 80 -23.10 -11.15 -21.30
C VAL E 80 -22.34 -12.13 -20.41
N GLN E 81 -21.87 -13.24 -20.99
CA GLN E 81 -21.17 -14.25 -20.22
C GLN E 81 -19.76 -14.56 -20.73
N GLY E 82 -19.06 -15.41 -19.99
CA GLY E 82 -17.73 -15.80 -20.39
C GLY E 82 -17.85 -16.43 -21.75
N HIS E 83 -16.74 -16.50 -22.47
CA HIS E 83 -16.75 -17.04 -23.82
C HIS E 83 -15.44 -17.64 -24.25
N SER E 84 -15.50 -18.35 -25.37
CA SER E 84 -14.32 -18.93 -25.98
C SER E 84 -14.00 -17.86 -27.02
N MET E 85 -12.73 -17.77 -27.40
CA MET E 85 -12.33 -16.76 -28.35
C MET E 85 -11.33 -17.33 -29.31
N ALA E 86 -11.58 -17.13 -30.59
CA ALA E 86 -10.68 -17.62 -31.61
C ALA E 86 -10.29 -16.41 -32.48
N ILE E 87 -9.00 -16.28 -32.78
CA ILE E 87 -8.48 -15.18 -33.60
C ILE E 87 -7.81 -15.77 -34.80
N TYR E 88 -8.20 -15.31 -36.00
CA TYR E 88 -7.62 -15.78 -37.26
C TYR E 88 -7.06 -14.60 -38.02
N ASP E 89 -6.00 -14.81 -38.81
CA ASP E 89 -5.44 -13.69 -39.56
C ASP E 89 -6.21 -13.48 -40.85
N ALA E 90 -5.76 -12.53 -41.66
CA ALA E 90 -6.42 -12.22 -42.90
C ALA E 90 -6.47 -13.40 -43.85
N ASN E 91 -5.57 -14.36 -43.68
CA ASN E 91 -5.53 -15.52 -44.56
C ASN E 91 -6.29 -16.71 -44.03
N GLY E 92 -7.12 -16.49 -43.01
CA GLY E 92 -7.91 -17.58 -42.45
C GLY E 92 -7.11 -18.60 -41.68
N SER E 93 -5.94 -18.18 -41.18
CA SER E 93 -5.04 -19.03 -40.42
C SER E 93 -5.27 -18.69 -38.95
N GLN E 94 -5.44 -19.71 -38.11
CA GLN E 94 -5.70 -19.47 -36.69
C GLN E 94 -4.50 -18.95 -35.94
N VAL E 95 -4.65 -17.74 -35.40
CA VAL E 95 -3.58 -17.10 -34.64
C VAL E 95 -3.56 -17.58 -33.21
N ASP E 96 -4.73 -17.57 -32.56
CA ASP E 96 -4.83 -17.99 -31.18
C ASP E 96 -6.24 -18.45 -30.88
N TYR E 97 -6.38 -19.25 -29.83
CA TYR E 97 -7.66 -19.76 -29.38
C TYR E 97 -7.60 -19.86 -27.86
N ILE E 98 -8.52 -19.17 -27.21
CA ILE E 98 -8.64 -19.19 -25.75
C ILE E 98 -9.99 -19.87 -25.53
N ALA E 99 -9.98 -21.05 -24.92
CA ALA E 99 -11.20 -21.81 -24.65
C ALA E 99 -12.17 -21.13 -23.68
N ASN E 100 -11.64 -20.52 -22.63
CA ASN E 100 -12.48 -19.84 -21.65
C ASN E 100 -11.78 -18.59 -21.18
N VAL E 101 -12.24 -17.45 -21.67
CA VAL E 101 -11.67 -16.16 -21.32
C VAL E 101 -11.71 -15.89 -19.82
N LEU E 102 -12.78 -16.35 -19.18
CA LEU E 102 -12.94 -16.17 -17.73
C LEU E 102 -11.88 -16.91 -16.91
N LYS E 103 -11.38 -18.03 -17.43
CA LYS E 103 -10.37 -18.78 -16.72
C LYS E 103 -8.97 -18.26 -16.99
N TYR E 104 -8.81 -17.55 -18.11
CA TYR E 104 -7.51 -17.01 -18.45
C TYR E 104 -7.15 -15.71 -17.71
N ALA F 1 -24.60 -7.67 -20.70
CA ALA F 1 -23.30 -7.72 -21.35
C ALA F 1 -22.21 -7.07 -20.50
N ASN F 2 -21.52 -7.89 -19.72
CA ASN F 2 -20.47 -7.43 -18.83
C ASN F 2 -19.07 -7.96 -19.10
N VAL F 3 -18.96 -9.05 -19.84
CA VAL F 3 -17.65 -9.63 -20.14
C VAL F 3 -17.12 -9.00 -21.42
N VAL F 4 -16.10 -8.16 -21.29
CA VAL F 4 -15.53 -7.48 -22.45
C VAL F 4 -14.51 -8.33 -23.18
N VAL F 5 -14.59 -8.39 -24.51
CA VAL F 5 -13.62 -9.18 -25.26
C VAL F 5 -12.29 -8.41 -25.33
N SER F 6 -11.19 -9.10 -25.03
CA SER F 6 -9.88 -8.49 -25.05
C SER F 6 -8.85 -9.57 -25.32
N ASN F 7 -7.59 -9.20 -25.29
CA ASN F 7 -6.53 -10.17 -25.55
C ASN F 7 -5.92 -10.46 -24.20
N PRO F 8 -6.13 -11.68 -23.71
CA PRO F 8 -5.58 -12.05 -22.40
C PRO F 8 -4.08 -12.40 -22.33
N ARG F 9 -3.49 -12.77 -23.46
CA ARG F 9 -2.07 -13.11 -23.49
C ARG F 9 -1.18 -11.87 -23.40
N PRO F 10 -0.27 -11.82 -22.41
CA PRO F 10 0.59 -10.64 -22.30
C PRO F 10 1.65 -10.57 -23.40
N ILE F 11 2.04 -9.36 -23.76
CA ILE F 11 3.08 -9.16 -24.76
C ILE F 11 4.14 -8.25 -24.11
N PHE F 12 5.40 -8.59 -24.30
CA PHE F 12 6.48 -7.84 -23.70
C PHE F 12 7.28 -7.20 -24.80
N THR F 13 7.37 -5.88 -24.76
CA THR F 13 8.10 -5.10 -25.74
C THR F 13 9.21 -4.28 -25.07
N GLU F 14 10.05 -3.64 -25.88
CA GLU F 14 11.16 -2.83 -25.37
C GLU F 14 10.69 -1.53 -24.75
N SER F 15 11.49 -0.97 -23.86
CA SER F 15 11.12 0.27 -23.21
C SER F 15 11.70 1.52 -23.86
N ARG F 16 12.55 1.32 -24.86
CA ARG F 16 13.15 2.44 -25.57
C ARG F 16 12.81 2.46 -27.07
N SER F 17 12.32 1.33 -27.58
CA SER F 17 11.93 1.22 -28.98
C SER F 17 10.74 0.28 -29.09
N PHE F 18 9.92 0.48 -30.12
CA PHE F 18 8.74 -0.35 -30.31
C PHE F 18 9.17 -1.69 -30.93
N LYS F 19 9.54 -2.64 -30.08
CA LYS F 19 9.97 -3.97 -30.52
C LYS F 19 9.61 -5.00 -29.47
N ALA F 20 9.44 -6.24 -29.89
CA ALA F 20 9.12 -7.30 -28.94
C ALA F 20 10.45 -7.57 -28.26
N VAL F 21 10.43 -8.05 -27.03
CA VAL F 21 11.68 -8.39 -26.36
C VAL F 21 11.97 -9.81 -26.83
N ALA F 22 12.14 -9.93 -28.15
CA ALA F 22 12.41 -11.19 -28.82
C ALA F 22 13.53 -11.93 -28.15
N ASN F 23 13.25 -13.18 -27.79
CA ASN F 23 14.23 -14.05 -27.16
C ASN F 23 14.77 -13.52 -25.87
N GLY F 24 13.98 -12.68 -25.22
CA GLY F 24 14.38 -12.12 -23.94
C GLY F 24 14.05 -13.11 -22.84
N LYS F 25 14.29 -12.69 -21.60
CA LYS F 25 14.07 -13.55 -20.45
C LYS F 25 13.34 -12.78 -19.37
N ILE F 26 12.52 -13.50 -18.60
CA ILE F 26 11.78 -12.92 -17.49
C ILE F 26 12.10 -13.68 -16.20
N TYR F 27 12.45 -12.94 -15.15
CA TYR F 27 12.74 -13.55 -13.86
C TYR F 27 11.66 -13.11 -12.88
N ILE F 28 11.10 -14.06 -12.16
CA ILE F 28 10.04 -13.82 -11.17
C ILE F 28 10.65 -14.08 -9.80
N GLY F 29 10.52 -13.13 -8.88
CA GLY F 29 11.10 -13.35 -7.58
C GLY F 29 10.33 -12.66 -6.48
N GLN F 30 10.93 -12.61 -5.29
CA GLN F 30 10.32 -11.98 -4.12
C GLN F 30 10.08 -10.51 -4.41
N ILE F 31 8.99 -10.01 -3.86
CA ILE F 31 8.62 -8.62 -3.98
C ILE F 31 9.78 -7.75 -3.47
N ASP F 32 10.15 -6.74 -4.24
CA ASP F 32 11.23 -5.81 -3.88
C ASP F 32 12.62 -6.40 -3.86
N THR F 33 12.85 -7.42 -4.67
CA THR F 33 14.18 -8.03 -4.74
C THR F 33 14.57 -8.19 -6.20
N ASP F 34 15.84 -8.50 -6.44
CA ASP F 34 16.36 -8.73 -7.79
C ASP F 34 16.14 -10.23 -8.07
N PRO F 35 15.10 -10.56 -8.86
CA PRO F 35 14.74 -11.94 -9.20
C PRO F 35 15.80 -12.69 -9.99
N VAL F 36 16.78 -11.98 -10.52
CA VAL F 36 17.85 -12.61 -11.28
C VAL F 36 18.68 -13.47 -10.35
N ASN F 37 18.77 -13.04 -9.10
CA ASN F 37 19.50 -13.79 -8.09
C ASN F 37 18.64 -14.98 -7.71
N PRO F 38 19.16 -16.20 -7.93
CA PRO F 38 18.44 -17.45 -7.62
C PRO F 38 17.84 -17.49 -6.23
N ALA F 39 18.49 -16.82 -5.29
CA ALA F 39 18.03 -16.77 -3.91
C ALA F 39 16.70 -16.03 -3.73
N ASN F 40 16.35 -15.19 -4.71
CA ASN F 40 15.12 -14.40 -4.67
C ASN F 40 14.00 -14.95 -5.52
N GLN F 41 14.30 -15.91 -6.38
CA GLN F 41 13.30 -16.49 -7.25
C GLN F 41 12.24 -17.34 -6.51
N ILE F 42 11.02 -17.33 -7.02
CA ILE F 42 9.93 -18.10 -6.44
C ILE F 42 9.49 -19.06 -7.55
N PRO F 43 8.74 -20.13 -7.21
CA PRO F 43 8.30 -21.07 -8.25
C PRO F 43 7.41 -20.47 -9.33
N VAL F 44 7.61 -20.91 -10.57
CA VAL F 44 6.77 -20.47 -11.67
C VAL F 44 6.11 -21.73 -12.23
N TYR F 45 4.83 -21.63 -12.58
CA TYR F 45 4.08 -22.78 -13.10
C TYR F 45 3.32 -22.44 -14.35
N ILE F 46 3.19 -23.45 -15.21
CA ILE F 46 2.41 -23.34 -16.42
C ILE F 46 1.03 -23.75 -15.93
N GLU F 47 -0.02 -23.04 -16.34
CA GLU F 47 -1.37 -23.41 -15.96
C GLU F 47 -2.04 -23.89 -17.23
N ASN F 48 -2.22 -25.20 -17.30
CA ASN F 48 -2.83 -25.82 -18.46
C ASN F 48 -4.28 -25.45 -18.63
N GLU F 49 -4.78 -25.62 -19.85
CA GLU F 49 -6.19 -25.36 -20.20
C GLU F 49 -6.97 -26.26 -19.23
N ASP F 50 -6.36 -27.41 -18.97
CA ASP F 50 -6.82 -28.45 -18.08
C ASP F 50 -7.08 -27.88 -16.68
N GLY F 51 -6.29 -26.90 -16.29
CA GLY F 51 -6.40 -26.32 -14.97
C GLY F 51 -5.22 -26.85 -14.16
N SER F 52 -4.52 -27.84 -14.71
CA SER F 52 -3.38 -28.42 -14.03
C SER F 52 -2.22 -27.43 -14.09
N HIS F 53 -1.35 -27.52 -13.10
CA HIS F 53 -0.20 -26.65 -13.01
C HIS F 53 1.09 -27.45 -13.07
N VAL F 54 1.92 -27.16 -14.05
CA VAL F 54 3.20 -27.85 -14.17
C VAL F 54 4.31 -26.82 -13.97
N GLN F 55 5.03 -26.97 -12.86
CA GLN F 55 6.12 -26.07 -12.53
C GLN F 55 7.24 -26.15 -13.54
N ILE F 56 7.78 -25.00 -13.93
CA ILE F 56 8.88 -24.98 -14.86
C ILE F 56 10.03 -24.25 -14.24
N THR F 57 11.15 -24.22 -14.94
CA THR F 57 12.34 -23.57 -14.43
C THR F 57 12.44 -22.14 -14.95
N GLN F 58 13.33 -21.35 -14.36
CA GLN F 58 13.53 -19.98 -14.77
C GLN F 58 14.86 -19.77 -15.53
N PRO F 59 14.95 -18.70 -16.34
CA PRO F 59 13.93 -17.70 -16.59
C PRO F 59 12.85 -18.15 -17.58
N LEU F 60 11.82 -17.32 -17.71
CA LEU F 60 10.73 -17.57 -18.64
C LEU F 60 11.23 -17.02 -19.96
N ILE F 61 10.99 -17.75 -21.04
CA ILE F 61 11.46 -17.36 -22.36
C ILE F 61 10.43 -16.58 -23.14
N ILE F 62 10.86 -15.48 -23.75
CA ILE F 62 9.96 -14.65 -24.55
C ILE F 62 10.31 -14.96 -26.00
N ASN F 63 9.29 -15.25 -26.82
CA ASN F 63 9.54 -15.57 -28.22
C ASN F 63 9.65 -14.30 -29.06
N ALA F 64 9.72 -14.44 -30.38
CA ALA F 64 9.85 -13.29 -31.27
C ALA F 64 8.64 -12.37 -31.29
N ALA F 65 7.48 -12.92 -30.97
CA ALA F 65 6.25 -12.13 -30.92
C ALA F 65 6.13 -11.38 -29.60
N GLY F 66 7.07 -11.63 -28.67
CA GLY F 66 7.05 -10.95 -27.39
C GLY F 66 6.11 -11.61 -26.40
N LYS F 67 5.86 -12.89 -26.60
CA LYS F 67 4.96 -13.65 -25.73
C LYS F 67 5.71 -14.82 -25.08
N ILE F 68 5.37 -15.10 -23.83
CA ILE F 68 6.01 -16.19 -23.09
C ILE F 68 5.71 -17.51 -23.78
N VAL F 69 6.74 -18.33 -23.91
CA VAL F 69 6.60 -19.58 -24.59
C VAL F 69 7.35 -20.68 -23.84
N TYR F 70 6.84 -21.89 -23.91
CA TYR F 70 7.53 -23.01 -23.31
C TYR F 70 7.35 -24.17 -24.26
N ASN F 71 8.46 -24.77 -24.64
CA ASN F 71 8.47 -25.88 -25.59
C ASN F 71 7.99 -25.46 -26.96
N GLY F 72 8.14 -24.17 -27.26
CA GLY F 72 7.70 -23.65 -28.56
C GLY F 72 6.21 -23.34 -28.63
N GLN F 73 5.53 -23.35 -27.49
CA GLN F 73 4.11 -23.05 -27.47
C GLN F 73 3.79 -22.02 -26.42
N LEU F 74 2.92 -21.08 -26.78
CA LEU F 74 2.48 -20.02 -25.89
C LEU F 74 1.94 -20.65 -24.62
N VAL F 75 2.23 -20.05 -23.46
CA VAL F 75 1.76 -20.59 -22.20
C VAL F 75 1.31 -19.51 -21.21
N LYS F 76 0.52 -19.94 -20.25
CA LYS F 76 0.04 -19.04 -19.22
C LYS F 76 0.83 -19.44 -17.99
N ILE F 77 1.50 -18.46 -17.38
CA ILE F 77 2.30 -18.69 -16.19
C ILE F 77 1.62 -18.00 -15.02
N VAL F 78 1.67 -18.65 -13.86
CA VAL F 78 1.07 -18.15 -12.64
C VAL F 78 2.05 -18.39 -11.52
N THR F 79 1.87 -17.70 -10.40
CA THR F 79 2.71 -17.91 -9.24
C THR F 79 1.78 -17.96 -8.06
N VAL F 80 2.30 -18.32 -6.89
CA VAL F 80 1.47 -18.41 -5.72
C VAL F 80 1.18 -17.03 -5.11
N GLN F 81 2.19 -16.18 -5.08
CA GLN F 81 2.04 -14.85 -4.48
C GLN F 81 2.47 -13.71 -5.40
N GLY F 82 2.44 -12.50 -4.84
CA GLY F 82 2.88 -11.32 -5.55
C GLY F 82 4.34 -11.54 -5.80
N HIS F 83 4.90 -10.81 -6.75
CA HIS F 83 6.29 -11.02 -7.10
C HIS F 83 6.91 -9.80 -7.75
N SER F 84 8.23 -9.80 -7.85
CA SER F 84 8.91 -8.71 -8.53
C SER F 84 9.05 -9.27 -9.93
N MET F 85 9.39 -8.43 -10.89
CA MET F 85 9.54 -8.92 -12.24
C MET F 85 10.60 -8.12 -12.95
N ALA F 86 11.62 -8.80 -13.46
CA ALA F 86 12.69 -8.13 -14.19
C ALA F 86 12.71 -8.77 -15.56
N ILE F 87 12.73 -7.95 -16.59
CA ILE F 87 12.72 -8.44 -17.97
C ILE F 87 14.06 -8.03 -18.58
N TYR F 88 14.66 -8.95 -19.33
CA TYR F 88 15.95 -8.72 -19.98
C TYR F 88 15.85 -9.05 -21.44
N ASP F 89 16.58 -8.34 -22.29
CA ASP F 89 16.54 -8.66 -23.70
C ASP F 89 17.51 -9.78 -24.02
N ALA F 90 17.56 -10.18 -25.28
CA ALA F 90 18.44 -11.26 -25.74
C ALA F 90 19.89 -11.04 -25.33
N ASN F 91 20.30 -9.78 -25.22
CA ASN F 91 21.67 -9.46 -24.85
C ASN F 91 21.93 -9.31 -23.37
N GLY F 92 20.98 -9.70 -22.54
CA GLY F 92 21.19 -9.58 -21.10
C GLY F 92 21.10 -8.17 -20.56
N SER F 93 20.51 -7.29 -21.35
CA SER F 93 20.33 -5.91 -20.97
C SER F 93 18.94 -5.76 -20.35
N GLN F 94 18.83 -5.07 -19.22
CA GLN F 94 17.56 -4.92 -18.55
C GLN F 94 16.54 -4.07 -19.31
N VAL F 95 15.40 -4.66 -19.61
CA VAL F 95 14.32 -4.00 -20.34
C VAL F 95 13.38 -3.26 -19.39
N ASP F 96 13.16 -3.83 -18.20
CA ASP F 96 12.26 -3.24 -17.20
C ASP F 96 12.32 -4.07 -15.93
N TYR F 97 11.83 -3.48 -14.85
CA TYR F 97 11.76 -4.11 -13.55
C TYR F 97 10.55 -3.54 -12.81
N ILE F 98 9.73 -4.43 -12.25
CA ILE F 98 8.56 -4.06 -11.47
C ILE F 98 8.77 -4.73 -10.11
N ALA F 99 9.13 -3.92 -9.12
CA ALA F 99 9.39 -4.41 -7.77
C ALA F 99 8.23 -5.21 -7.14
N ASN F 100 7.00 -4.73 -7.35
CA ASN F 100 5.80 -5.38 -6.80
C ASN F 100 4.62 -5.25 -7.76
N VAL F 101 4.47 -6.26 -8.60
CA VAL F 101 3.40 -6.33 -9.59
C VAL F 101 2.01 -6.06 -9.00
N LEU F 102 1.79 -6.50 -7.77
CA LEU F 102 0.50 -6.30 -7.11
C LEU F 102 0.21 -4.83 -6.87
N LYS F 103 1.24 -4.10 -6.43
CA LYS F 103 1.10 -2.68 -6.16
C LYS F 103 0.97 -1.91 -7.44
N TYR F 104 1.72 -2.33 -8.45
CA TYR F 104 1.66 -1.65 -9.74
C TYR F 104 0.26 -1.76 -10.33
#